data_8XUU
#
_entry.id   8XUU
#
loop_
_entity.id
_entity.type
_entity.pdbx_description
1 polymer 'Spike glycoprotein'
2 branched beta-D-mannopyranose-(1-4)-2-acetamido-2-deoxy-beta-D-glucopyranose
3 non-polymer 2-acetamido-2-deoxy-beta-D-glucopyranose
4 non-polymer '2-O-sulfo-beta-L-altropyranuronic acid'
#
_entity_poly.entity_id   1
_entity_poly.type   'polypeptide(L)'
_entity_poly.pdbx_seq_one_letter_code
;ATMFVFLVLLPLVSSQCVMPLFNLITTTQSYTNSFTRGVYYPDKVFRSSVLHLTQDLFLPFFSNVTWFHAISGTNGTKRF
DNPVLPFNDGVYFASTEKSNIIRGWIFGTTLDSKTQSLLIVNNATNVFIKVCEFQFCNDPFLDVYHKNNKSWMESESGVY
SSANNCTFEYVSQPFLMDLEGKQGNFKNLREFVFKNIDGYFKIYSKHTPIIGRDFPQGFSALEPLVDLPIGINITRFQTL
LALNRSYLTPGDSSSGWTAGAADYYVGYLQPRTFLLKYNENGTITDAVDCALDPLSETKCTLKSFTVEKGIYQTSNFRVQ
PTESIVRFPNVTNLCPFHEVFNATRFASVYAWNRKRISNCVADYSVLYNFAPFFAFKCYGVSPTKLNDLCFTNVYADSFV
IKGNEVSQIAPGQTGNIADYNYKLPDDFTGCVIAWNSNKLDSKHSGNYDYWYRLFRKSKLKPFERDISTEIYQAGNKPCK
GKGPNCYFPLQSYGFRPTYGVGHQPYRVVVLSFELLHAPATVCGPKKSTNLVKNKCVNFNFNGLTGTGVLTKSNKKFLPF
QQFGRDIVDTTDAVRDPQTLEILDITPCSFGGVSVITPGTNTSNQVAVLYQGVNCTEVSVAIHADQLTPTWRVYSTGSNV
FQTRAGCLIGAEYVNNSYECDIPIGAGICASYQTQTKSRRAAASVASQSIIAYTMSLGAENSVAYSNNSIAIPTNFTISV
TTEILPVSMTKTSVDCTMYICGDSTECSNLLLQYGSFCTQLKRALTGIAVEQDKNTQEVFAQVKQIYKTPPIKYFGGFNF
SQILPDPSKPSKRSPIEDLLFNKVTLADAGFIKQYGDCLGDIAARDLICAQKFNGLTVLPPLLTDEMIAQYTSALLAGTI
TSGWTFGAGPALQIPFPMQMAYRFNGIGVTQNVLYENQKLIANQFNSAIGKIQDSLFSTPSALGKLQDVVNHNAQALNTL
VKQLSSKFGAISSVLNDILSRLDPPEAEVQIDRLITGRLQSLQTYVTQQLIRAAEIRASANLAATKMSECVLGQSKRVDF
CGKGYHLMSFPQSAPHGVVFLHVTYVPAQEKNFTTAPAICHDGKAHFPREGVFVSNGTHWFVTQRNFYEPQIITTDNTFV
SGNCDVVIGIVNNTVYDPLQLELDSFKEELDKYFKNHTSPDVDLGDISGINASVVNIQKEIDRLNEVAKNLNESLIDLQE
LGKYEQ
;
_entity_poly.pdbx_strand_id   A
#
loop_
_chem_comp.id
_chem_comp.type
_chem_comp.name
_chem_comp.formula
BMA D-saccharide, beta linking beta-D-mannopyranose 'C6 H12 O6'
IDU L-saccharide, beta linking '2-O-sulfo-beta-L-altropyranuronic acid' 'C6 H10 O10 S'
NAG D-saccharide, beta linking 2-acetamido-2-deoxy-beta-D-glucopyranose 'C8 H15 N O6'
#
# COMPACT_ATOMS: atom_id res chain seq x y z
N THR A 26 24.53 6.56 20.51
CA THR A 26 23.60 5.82 21.34
C THR A 26 22.20 6.40 21.22
N THR A 27 21.31 5.98 22.12
CA THR A 27 19.94 6.46 22.12
C THR A 27 19.33 6.17 23.49
N THR A 28 18.20 6.80 23.79
CA THR A 28 17.45 6.54 25.02
C THR A 28 16.01 6.18 24.66
N GLN A 29 15.28 5.57 25.60
CA GLN A 29 13.93 5.12 25.30
C GLN A 29 12.99 5.54 26.43
N SER A 30 13.02 6.81 26.80
CA SER A 30 12.14 7.32 27.83
C SER A 30 10.70 7.38 27.31
N TYR A 31 9.74 7.17 28.19
CA TYR A 31 8.33 7.26 27.79
C TYR A 31 7.78 8.60 28.26
N THR A 32 6.85 9.17 27.51
CA THR A 32 6.08 10.38 27.82
C THR A 32 4.63 10.19 27.39
N ASN A 33 3.84 11.24 27.60
CA ASN A 33 2.43 11.22 27.25
C ASN A 33 2.20 11.98 25.95
N SER A 34 1.20 11.53 25.19
CA SER A 34 0.87 12.16 23.92
C SER A 34 -0.24 13.20 24.03
N PHE A 35 -1.06 13.13 25.06
CA PHE A 35 -2.20 14.04 25.25
C PHE A 35 -3.09 13.97 24.01
N THR A 36 -3.80 15.05 23.70
CA THR A 36 -4.66 15.13 22.53
C THR A 36 -3.79 15.53 21.35
N ARG A 37 -3.30 14.55 20.60
CA ARG A 37 -2.34 14.79 19.54
C ARG A 37 -2.35 13.62 18.58
N GLY A 38 -2.22 13.92 17.29
CA GLY A 38 -2.14 12.88 16.28
C GLY A 38 -3.46 12.54 15.64
N VAL A 39 -4.23 13.56 15.28
CA VAL A 39 -5.52 13.39 14.61
C VAL A 39 -5.42 14.05 13.24
N TYR A 40 -5.75 13.27 12.21
CA TYR A 40 -5.59 13.73 10.83
C TYR A 40 -6.89 13.61 10.03
N TYR A 41 -7.08 14.49 9.04
CA TYR A 41 -8.31 14.49 8.26
C TYR A 41 -8.51 13.11 7.65
N PRO A 42 -9.51 12.34 8.08
CA PRO A 42 -9.66 10.97 7.55
C PRO A 42 -9.92 10.93 6.05
N ASP A 43 -10.63 11.91 5.51
CA ASP A 43 -10.99 11.91 4.10
C ASP A 43 -10.59 13.26 3.50
N LYS A 44 -11.00 13.48 2.26
CA LYS A 44 -10.75 14.76 1.60
C LYS A 44 -12.07 15.48 1.36
N VAL A 45 -12.98 15.40 2.32
CA VAL A 45 -14.33 15.93 2.19
C VAL A 45 -14.47 17.13 3.11
N PHE A 46 -14.77 18.29 2.51
CA PHE A 46 -14.91 19.52 3.27
C PHE A 46 -16.15 19.45 4.15
N ARG A 47 -16.04 19.97 5.38
CA ARG A 47 -17.18 19.92 6.34
C ARG A 47 -17.23 21.22 7.14
N SER A 48 -18.43 21.68 7.50
CA SER A 48 -18.59 22.95 8.27
C SER A 48 -19.67 22.79 9.34
N SER A 49 -19.52 23.48 10.48
CA SER A 49 -20.51 23.39 11.58
C SER A 49 -21.06 21.96 11.62
N VAL A 50 -20.19 20.96 11.79
CA VAL A 50 -20.62 19.58 11.75
C VAL A 50 -19.81 18.80 12.78
N LEU A 51 -20.38 17.70 13.26
CA LEU A 51 -19.83 16.88 14.33
C LEU A 51 -19.60 15.46 13.84
N HIS A 52 -18.96 15.36 12.66
CA HIS A 52 -18.79 14.08 11.99
C HIS A 52 -18.00 13.10 12.85
N LEU A 53 -18.43 11.84 12.82
CA LEU A 53 -17.84 10.77 13.60
C LEU A 53 -17.18 9.78 12.65
N THR A 54 -15.93 9.43 12.94
CA THR A 54 -15.15 8.57 12.07
C THR A 54 -14.63 7.36 12.83
N GLN A 55 -14.53 6.23 12.12
CA GLN A 55 -13.86 5.03 12.63
C GLN A 55 -12.70 4.74 11.69
N ASP A 56 -11.47 4.86 12.16
CA ASP A 56 -10.33 4.47 11.31
C ASP A 56 -9.14 4.20 12.23
N LEU A 57 -7.93 4.32 11.71
CA LEU A 57 -6.77 4.18 12.61
C LEU A 57 -6.46 5.57 13.15
N PHE A 58 -6.35 5.70 14.46
CA PHE A 58 -5.97 7.00 15.03
C PHE A 58 -5.08 6.72 16.23
N LEU A 59 -4.26 7.69 16.61
CA LEU A 59 -3.43 7.57 17.81
C LEU A 59 -4.31 7.79 19.04
N PRO A 60 -4.38 6.83 19.97
CA PRO A 60 -5.26 6.97 21.12
C PRO A 60 -4.89 8.18 21.96
N PHE A 61 -5.91 8.83 22.52
CA PHE A 61 -5.67 9.97 23.39
C PHE A 61 -5.03 9.51 24.69
N PHE A 62 -3.94 10.15 25.08
CA PHE A 62 -3.16 9.67 26.25
C PHE A 62 -2.80 8.23 25.95
N SER A 63 -1.72 7.98 25.19
CA SER A 63 -1.50 6.58 24.75
C SER A 63 -0.06 6.07 24.61
N ASN A 64 0.90 6.67 25.28
CA ASN A 64 2.25 6.05 25.43
C ASN A 64 3.08 6.11 24.13
N VAL A 65 3.81 7.21 23.97
CA VAL A 65 4.71 7.57 22.89
C VAL A 65 6.13 7.51 23.43
N THR A 66 7.00 6.83 22.70
CA THR A 66 8.42 6.67 23.14
C THR A 66 9.26 7.85 22.65
N TRP A 67 9.79 8.66 23.58
CA TRP A 67 10.68 9.78 23.19
C TRP A 67 12.12 9.25 23.15
N PHE A 68 12.84 9.50 22.05
CA PHE A 68 14.21 8.93 21.91
C PHE A 68 15.27 10.04 21.87
N HIS A 69 16.54 9.65 21.79
CA HIS A 69 17.64 10.61 21.71
C HIS A 69 18.57 10.21 20.58
N ALA A 70 19.69 10.93 20.47
CA ALA A 70 20.72 10.64 19.48
C ALA A 70 22.03 11.25 19.92
N ILE A 71 23.12 10.50 19.75
CA ILE A 71 24.45 10.97 20.09
C ILE A 71 25.50 10.15 19.35
N ASP A 81 22.32 1.66 18.68
CA ASP A 81 22.38 2.73 17.70
C ASP A 81 21.24 2.61 16.68
N ASN A 82 20.35 3.60 16.66
CA ASN A 82 19.23 3.61 15.67
C ASN A 82 18.45 2.29 15.76
N PRO A 83 17.57 2.09 16.77
CA PRO A 83 16.86 0.83 16.93
C PRO A 83 15.77 0.64 15.86
N VAL A 84 15.76 -0.52 15.20
CA VAL A 84 14.71 -0.81 14.23
C VAL A 84 13.39 -0.96 14.97
N LEU A 85 12.47 -0.04 14.71
CA LEU A 85 11.19 -0.03 15.46
C LEU A 85 10.16 -0.90 14.74
N PRO A 86 9.35 -1.69 15.47
CA PRO A 86 8.26 -2.46 14.85
C PRO A 86 7.22 -1.52 14.25
N PHE A 87 6.59 -1.98 13.17
CA PHE A 87 5.58 -1.22 12.46
C PHE A 87 4.32 -2.06 12.40
N ASN A 88 3.21 -1.49 12.86
CA ASN A 88 1.94 -2.21 12.87
C ASN A 88 0.80 -1.22 12.95
N ASP A 89 -0.18 -1.39 12.06
CA ASP A 89 -1.37 -0.53 12.10
C ASP A 89 -0.92 0.92 12.07
N GLY A 90 0.15 1.22 11.35
CA GLY A 90 0.58 2.59 11.18
C GLY A 90 1.41 3.08 12.35
N VAL A 91 2.13 4.18 12.12
CA VAL A 91 3.02 4.77 13.10
C VAL A 91 2.84 6.28 13.08
N TYR A 92 2.74 6.88 14.26
CA TYR A 92 2.74 8.33 14.40
C TYR A 92 4.16 8.79 14.75
N PHE A 93 4.71 9.69 13.93
CA PHE A 93 6.12 10.12 14.15
C PHE A 93 6.20 11.64 14.27
N ALA A 94 6.66 12.14 15.42
CA ALA A 94 6.84 13.61 15.61
C ALA A 94 8.33 13.88 15.85
N SER A 95 8.76 15.13 15.66
CA SER A 95 10.22 15.46 15.81
C SER A 95 10.42 16.97 15.99
N THR A 96 11.28 17.36 16.93
CA THR A 96 11.59 18.78 17.13
C THR A 96 13.10 18.94 16.97
N GLU A 97 13.49 19.80 16.03
CA GLU A 97 14.88 19.91 15.62
C GLU A 97 15.23 21.35 15.29
N LYS A 98 16.53 21.65 15.28
CA LYS A 98 16.97 23.01 14.98
C LYS A 98 16.79 23.34 13.51
N SER A 99 17.56 22.69 12.63
CA SER A 99 17.35 22.82 11.19
C SER A 99 17.03 21.49 10.53
N ASN A 100 17.93 20.51 10.59
CA ASN A 100 17.70 19.20 10.02
C ASN A 100 18.75 18.20 10.47
N ILE A 101 18.33 17.11 11.09
CA ILE A 101 19.23 16.01 11.40
C ILE A 101 18.61 14.67 11.03
N ILE A 102 17.32 14.70 10.70
CA ILE A 102 16.59 13.51 10.28
C ILE A 102 16.25 13.66 8.80
N ARG A 103 16.63 12.66 8.01
CA ARG A 103 16.41 12.72 6.56
C ARG A 103 15.13 12.00 6.16
N GLY A 104 15.03 10.71 6.47
CA GLY A 104 13.92 9.90 6.02
C GLY A 104 13.79 8.63 6.85
N TRP A 105 13.12 7.64 6.24
CA TRP A 105 12.77 6.41 6.94
C TRP A 105 12.97 5.23 6.00
N ILE A 106 13.11 4.04 6.59
CA ILE A 106 13.22 2.79 5.86
C ILE A 106 12.14 1.84 6.37
N PHE A 107 11.53 1.10 5.45
CA PHE A 107 10.48 0.14 5.77
C PHE A 107 10.82 -1.20 5.14
N GLY A 108 9.93 -2.17 5.30
CA GLY A 108 10.07 -3.47 4.70
C GLY A 108 10.17 -4.55 5.75
N THR A 109 10.58 -5.71 5.27
CA THR A 109 10.79 -6.83 6.21
C THR A 109 12.22 -7.34 6.05
N THR A 110 12.85 -7.64 7.14
CA THR A 110 14.17 -8.25 7.25
C THR A 110 15.26 -7.40 6.62
N LEU A 111 14.86 -6.30 5.96
CA LEU A 111 15.78 -5.27 5.48
C LEU A 111 17.02 -5.84 4.80
N ASP A 112 16.83 -6.87 3.97
CA ASP A 112 17.95 -7.48 3.28
C ASP A 112 17.67 -7.65 1.79
N SER A 113 18.59 -8.27 1.07
CA SER A 113 18.41 -8.51 -0.36
C SER A 113 17.67 -9.84 -0.60
N LYS A 114 16.51 -9.97 0.05
CA LYS A 114 15.61 -11.09 -0.19
C LYS A 114 14.15 -10.69 -0.17
N THR A 115 13.82 -9.48 0.28
CA THR A 115 12.45 -9.00 0.32
C THR A 115 12.45 -7.51 0.00
N GLN A 116 11.49 -7.10 -0.83
CA GLN A 116 11.42 -5.67 -1.26
C GLN A 116 11.31 -4.77 -0.04
N SER A 117 11.75 -3.51 -0.18
CA SER A 117 11.72 -2.57 0.97
C SER A 117 11.49 -1.14 0.47
N LEU A 118 11.07 -0.25 1.36
CA LEU A 118 10.86 1.15 1.00
C LEU A 118 12.05 2.00 1.47
N LEU A 119 12.05 3.27 1.06
CA LEU A 119 13.10 4.23 1.40
C LEU A 119 12.56 5.61 1.02
N ILE A 120 12.52 6.53 1.99
CA ILE A 120 11.86 7.82 1.81
C ILE A 120 12.77 8.98 2.24
N VAL A 121 14.07 8.85 1.95
CA VAL A 121 15.04 9.91 2.40
C VAL A 121 14.63 11.25 1.78
N ASN A 122 14.45 12.28 2.61
CA ASN A 122 14.15 13.64 2.08
C ASN A 122 15.48 14.32 1.75
N ASN A 123 16.13 13.90 0.65
CA ASN A 123 17.46 14.44 0.29
C ASN A 123 17.36 15.92 -0.11
N ALA A 124 18.21 16.77 0.46
CA ALA A 124 18.25 18.20 0.09
C ALA A 124 16.84 18.79 0.04
N THR A 125 16.51 19.51 -1.05
CA THR A 125 15.19 20.15 -1.17
C THR A 125 14.26 19.30 -2.05
N ASN A 126 14.23 17.99 -1.81
CA ASN A 126 13.33 17.09 -2.57
C ASN A 126 13.17 15.78 -1.79
N VAL A 127 12.43 14.81 -2.33
CA VAL A 127 12.29 13.49 -1.66
C VAL A 127 12.95 12.43 -2.55
N PHE A 128 12.92 11.17 -2.11
CA PHE A 128 13.54 10.09 -2.87
C PHE A 128 12.81 8.78 -2.64
N ILE A 129 11.47 8.83 -2.59
CA ILE A 129 10.66 7.64 -2.33
C ILE A 129 10.89 6.60 -3.42
N LYS A 130 10.95 5.32 -3.01
CA LYS A 130 11.20 4.23 -3.99
C LYS A 130 10.91 2.87 -3.34
N VAL A 131 10.56 1.87 -4.17
CA VAL A 131 10.33 0.49 -3.65
C VAL A 131 11.35 -0.44 -4.30
N CYS A 132 12.27 -1.00 -3.51
CA CYS A 132 13.34 -1.86 -4.09
C CYS A 132 13.86 -2.85 -3.04
N GLU A 133 14.38 -4.00 -3.49
CA GLU A 133 14.95 -5.00 -2.55
C GLU A 133 16.33 -4.49 -2.09
N PHE A 134 16.35 -3.52 -1.17
CA PHE A 134 17.64 -2.91 -0.74
C PHE A 134 18.52 -3.95 -0.03
N GLN A 135 19.81 -3.96 -0.36
CA GLN A 135 20.77 -4.91 0.28
C GLN A 135 21.09 -4.41 1.70
N PHE A 136 22.25 -3.76 1.88
CA PHE A 136 22.55 -3.18 3.19
C PHE A 136 23.47 -1.98 2.96
N CYS A 137 23.57 -1.15 4.00
CA CYS A 137 24.57 -0.09 4.07
C CYS A 137 25.39 -0.13 5.35
N ASN A 138 24.75 -0.45 6.48
CA ASN A 138 25.39 -0.58 7.79
C ASN A 138 26.06 0.71 8.24
N ASP A 139 25.65 1.85 7.69
CA ASP A 139 26.22 3.14 8.07
C ASP A 139 25.13 4.21 8.17
N GLY A 158 24.54 7.51 -0.14
CA GLY A 158 24.68 6.07 -0.22
C GLY A 158 24.12 5.35 1.00
N VAL A 159 22.85 4.99 0.95
CA VAL A 159 22.16 4.29 2.03
C VAL A 159 21.87 2.84 1.64
N TYR A 160 22.21 2.49 0.39
CA TYR A 160 21.96 1.11 -0.10
C TYR A 160 22.86 0.82 -1.29
N SER A 161 23.07 -0.46 -1.60
CA SER A 161 23.90 -0.86 -2.77
C SER A 161 23.07 -1.79 -3.66
N SER A 162 21.75 -1.61 -3.68
CA SER A 162 20.88 -2.54 -4.44
C SER A 162 20.42 -1.91 -5.76
N ALA A 163 20.68 -2.58 -6.88
CA ALA A 163 20.19 -2.10 -8.19
C ALA A 163 19.58 -3.31 -8.92
N ASN A 164 18.84 -4.15 -8.19
CA ASN A 164 18.29 -5.40 -8.78
C ASN A 164 16.84 -5.21 -9.22
N ASN A 165 15.93 -6.04 -8.72
CA ASN A 165 14.51 -5.99 -9.15
C ASN A 165 13.85 -4.75 -8.53
N CYS A 166 14.37 -3.54 -8.74
CA CYS A 166 13.84 -2.38 -7.97
C CYS A 166 12.92 -1.44 -8.77
N THR A 167 13.44 -0.32 -9.27
CA THR A 167 12.68 0.71 -10.03
C THR A 167 11.43 1.07 -9.21
N PHE A 168 10.25 1.09 -9.82
CA PHE A 168 8.99 1.35 -9.07
C PHE A 168 9.24 2.45 -8.03
N GLU A 169 9.71 3.62 -8.48
CA GLU A 169 10.05 4.72 -7.53
C GLU A 169 9.10 5.90 -7.76
N TYR A 170 8.94 6.76 -6.75
CA TYR A 170 8.08 7.96 -6.89
C TYR A 170 8.81 9.18 -6.33
N VAL A 171 9.00 10.20 -7.13
CA VAL A 171 9.62 11.41 -6.54
C VAL A 171 8.49 12.44 -6.33
N SER A 172 8.74 13.50 -5.57
CA SER A 172 7.74 14.57 -5.34
C SER A 172 8.39 15.77 -4.62
N GLN A 173 7.59 16.77 -4.25
CA GLN A 173 8.12 17.96 -3.53
C GLN A 173 8.61 17.52 -2.14
N PRO A 174 9.65 18.15 -1.56
CA PRO A 174 10.22 17.72 -0.28
C PRO A 174 9.20 17.79 0.86
N PHE A 175 9.34 16.92 1.86
CA PHE A 175 8.37 16.88 2.99
C PHE A 175 8.92 17.64 4.20
N LEU A 176 10.00 18.40 4.00
CA LEU A 176 10.65 19.12 5.14
C LEU A 176 10.60 20.62 4.90
N MET A 177 9.80 21.35 5.69
CA MET A 177 9.75 22.80 5.57
C MET A 177 10.21 23.41 6.89
N ASP A 178 11.16 24.34 6.80
CA ASP A 178 11.70 25.01 7.97
C ASP A 178 11.78 26.50 7.71
N LEU A 179 11.31 27.29 8.67
CA LEU A 179 11.38 28.74 8.59
C LEU A 179 11.82 29.29 9.94
N GLU A 180 12.55 30.39 9.91
CA GLU A 180 13.08 31.01 11.11
C GLU A 180 12.86 32.51 11.05
N GLY A 181 12.52 33.10 12.20
CA GLY A 181 12.37 34.54 12.30
C GLY A 181 13.68 35.21 12.66
N LYS A 182 14.71 34.98 11.84
CA LYS A 182 16.06 35.50 12.07
C LYS A 182 16.64 34.98 13.38
N GLN A 183 16.12 33.86 13.88
CA GLN A 183 16.58 33.27 15.12
C GLN A 183 16.24 31.79 15.12
N GLY A 184 17.05 31.01 15.83
CA GLY A 184 16.86 29.57 15.90
C GLY A 184 15.91 29.08 16.97
N ASN A 185 15.33 29.98 17.77
CA ASN A 185 14.41 29.56 18.82
C ASN A 185 13.11 28.98 18.26
N PHE A 186 12.81 29.30 16.99
CA PHE A 186 11.58 28.80 16.32
C PHE A 186 11.75 27.31 16.00
N LYS A 187 11.78 26.47 17.03
CA LYS A 187 11.94 25.03 16.86
C LYS A 187 10.60 24.46 16.41
N ASN A 188 10.39 24.45 15.10
CA ASN A 188 9.14 23.93 14.54
C ASN A 188 9.04 22.42 14.79
N LEU A 189 7.86 21.98 15.19
CA LEU A 189 7.60 20.58 15.48
C LEU A 189 6.93 19.94 14.26
N ARG A 190 7.56 18.90 13.72
CA ARG A 190 7.06 18.21 12.54
C ARG A 190 6.42 16.90 12.97
N GLU A 191 5.13 16.75 12.66
CA GLU A 191 4.38 15.54 12.99
C GLU A 191 4.02 14.80 11.71
N PHE A 192 4.22 13.49 11.72
CA PHE A 192 3.92 12.65 10.58
C PHE A 192 3.12 11.43 11.02
N VAL A 193 2.24 10.97 10.14
CA VAL A 193 1.48 9.75 10.35
C VAL A 193 1.56 8.92 9.08
N PHE A 194 1.99 7.67 9.21
CA PHE A 194 2.03 6.73 8.10
C PHE A 194 1.13 5.54 8.40
N LYS A 195 0.53 5.01 7.33
CA LYS A 195 -0.31 3.80 7.48
C LYS A 195 -0.22 3.00 6.17
N ASN A 196 -0.52 1.71 6.21
CA ASN A 196 -0.38 0.82 5.07
C ASN A 196 -1.65 -0.01 4.87
N ILE A 197 -2.79 0.67 4.93
CA ILE A 197 -4.08 -0.05 4.66
C ILE A 197 -3.98 -0.66 3.25
N ASP A 198 -4.17 -1.98 3.14
CA ASP A 198 -4.04 -2.69 1.83
C ASP A 198 -3.09 -1.92 0.91
N GLY A 199 -1.81 -1.82 1.28
CA GLY A 199 -0.83 -1.08 0.47
C GLY A 199 -1.10 0.42 0.50
N TYR A 200 -1.23 1.05 -0.67
CA TYR A 200 -1.56 2.50 -0.73
C TYR A 200 -0.89 3.24 0.43
N PHE A 201 0.44 3.19 0.53
CA PHE A 201 1.12 3.81 1.69
C PHE A 201 0.66 5.26 1.81
N LYS A 202 -0.03 5.59 2.91
CA LYS A 202 -0.55 6.97 3.11
C LYS A 202 0.39 7.74 4.04
N ILE A 203 0.53 9.04 3.81
CA ILE A 203 1.43 9.86 4.64
C ILE A 203 0.74 11.17 4.95
N TYR A 204 0.67 11.53 6.22
CA TYR A 204 0.08 12.77 6.68
C TYR A 204 1.14 13.59 7.40
N SER A 205 1.01 14.91 7.37
CA SER A 205 1.99 15.76 8.02
C SER A 205 1.38 17.10 8.38
N LYS A 206 2.06 17.80 9.28
CA LYS A 206 1.71 19.15 9.68
C LYS A 206 2.88 19.73 10.46
N HIS A 207 3.32 20.92 10.08
CA HIS A 207 4.43 21.59 10.74
C HIS A 207 3.88 22.72 11.60
N THR A 208 4.21 22.76 12.88
CA THR A 208 3.72 23.88 13.72
C THR A 208 4.79 24.35 14.71
N PRO A 209 5.15 25.65 14.80
CA PRO A 209 6.24 26.10 15.66
C PRO A 209 5.76 26.65 17.01
N ILE A 210 6.46 27.66 17.54
CA ILE A 210 6.10 28.24 18.87
C ILE A 210 5.97 27.10 19.88
N ILE A 211 6.99 26.23 19.92
CA ILE A 211 6.98 25.04 20.82
C ILE A 211 7.61 25.44 22.16
N GLY A 212 6.80 26.05 23.05
CA GLY A 212 7.31 26.43 24.38
C GLY A 212 7.12 25.30 25.37
N ARG A 213 6.33 24.28 24.99
CA ARG A 213 6.08 23.12 25.89
C ARG A 213 6.54 21.85 25.19
N ASP A 214 7.30 21.00 25.88
CA ASP A 214 7.74 19.71 25.29
C ASP A 214 6.50 18.98 24.75
N PHE A 215 6.45 18.72 23.45
CA PHE A 215 5.32 18.04 22.84
C PHE A 215 4.08 18.78 23.19
N PRO A 216 3.86 19.96 22.54
CA PRO A 216 2.66 20.73 22.80
C PRO A 216 1.50 19.75 22.88
N GLN A 217 0.59 19.99 23.80
CA GLN A 217 -0.55 19.14 23.92
C GLN A 217 -1.78 19.74 23.22
N GLY A 218 -1.74 21.01 22.80
CA GLY A 218 -2.86 21.55 22.08
C GLY A 218 -3.17 20.76 20.83
N PHE A 219 -4.37 20.97 20.29
CA PHE A 219 -4.79 20.21 19.12
C PHE A 219 -4.08 20.68 17.86
N SER A 220 -3.87 19.74 16.94
CA SER A 220 -3.24 20.03 15.66
C SER A 220 -3.65 18.96 14.68
N ALA A 221 -4.30 19.35 13.59
CA ALA A 221 -4.72 18.40 12.57
C ALA A 221 -3.53 18.02 11.69
N LEU A 222 -3.74 17.06 10.79
CA LEU A 222 -2.66 16.61 9.91
C LEU A 222 -3.21 16.49 8.50
N GLU A 223 -2.52 17.13 7.54
CA GLU A 223 -2.94 17.11 6.15
C GLU A 223 -2.14 16.07 5.35
N PRO A 224 -2.79 15.33 4.47
CA PRO A 224 -2.06 14.38 3.61
C PRO A 224 -1.12 15.11 2.66
N LEU A 225 -0.02 14.43 2.35
CA LEU A 225 0.93 14.92 1.36
C LEU A 225 0.95 14.08 0.09
N VAL A 226 1.16 12.76 0.22
CA VAL A 226 1.21 11.89 -0.93
C VAL A 226 0.58 10.56 -0.55
N ASP A 227 -0.04 9.90 -1.53
CA ASP A 227 -0.64 8.55 -1.27
C ASP A 227 -0.21 7.61 -2.40
N LEU A 228 0.98 7.03 -2.31
CA LEU A 228 1.50 6.14 -3.38
C LEU A 228 1.21 4.68 -3.02
N PRO A 229 0.75 3.84 -3.98
CA PRO A 229 0.48 2.42 -3.72
C PRO A 229 1.75 1.56 -3.83
N ILE A 230 2.37 1.23 -2.70
CA ILE A 230 3.59 0.37 -2.72
C ILE A 230 3.13 -1.09 -2.81
N GLY A 231 2.07 -1.45 -2.07
CA GLY A 231 1.53 -2.80 -2.10
C GLY A 231 2.48 -3.88 -1.65
N ILE A 232 3.21 -3.65 -0.55
CA ILE A 232 4.20 -4.58 -0.04
C ILE A 232 3.85 -4.96 1.40
N ASN A 233 4.69 -5.83 1.94
CA ASN A 233 4.53 -6.25 3.36
C ASN A 233 5.49 -5.39 4.18
N ILE A 234 4.98 -4.70 5.19
CA ILE A 234 5.77 -3.88 6.09
C ILE A 234 5.54 -4.36 7.51
N THR A 235 6.64 -4.61 8.22
CA THR A 235 6.52 -5.00 9.65
C THR A 235 7.57 -4.24 10.46
N ARG A 236 8.76 -4.04 9.92
CA ARG A 236 9.78 -3.26 10.61
C ARG A 236 9.77 -1.83 10.11
N PHE A 237 10.64 -1.01 10.70
CA PHE A 237 10.63 0.43 10.48
C PHE A 237 11.92 0.97 11.06
N GLN A 238 12.62 1.82 10.28
CA GLN A 238 13.91 2.39 10.76
C GLN A 238 14.01 3.86 10.31
N THR A 239 14.93 4.62 10.90
CA THR A 239 15.03 6.07 10.58
C THR A 239 16.48 6.44 10.21
N LEU A 240 16.65 7.49 9.41
CA LEU A 240 17.97 7.96 8.98
C LEU A 240 18.37 9.19 9.79
N LEU A 241 19.66 9.50 9.75
CA LEU A 241 20.20 10.65 10.47
C LEU A 241 20.97 11.51 9.47
N ALA A 242 21.72 12.49 10.01
CA ALA A 242 22.46 13.43 9.17
C ALA A 242 23.82 13.64 9.83
N LEU A 243 24.58 14.65 9.41
CA LEU A 243 25.93 14.85 9.92
C LEU A 243 26.02 16.18 10.64
N ASN A 244 27.06 16.31 11.46
CA ASN A 244 27.34 17.53 12.21
C ASN A 244 28.79 17.49 12.66
N ARG A 245 29.38 18.66 12.83
CA ARG A 245 30.77 18.76 13.28
C ARG A 245 30.91 19.84 14.35
N ALA A 262 15.64 14.30 22.22
CA ALA A 262 15.44 15.65 21.70
C ALA A 262 14.59 15.61 20.43
N ASP A 263 14.18 14.40 20.03
CA ASP A 263 13.29 14.24 18.84
C ASP A 263 12.86 12.78 18.76
N TYR A 264 12.63 12.26 17.54
CA TYR A 264 12.29 10.83 17.37
C TYR A 264 11.05 10.45 18.19
N TYR A 265 10.04 11.32 18.23
CA TYR A 265 8.78 10.96 18.93
C TYR A 265 8.09 9.87 18.11
N VAL A 266 7.70 8.75 18.75
CA VAL A 266 7.11 7.61 17.98
C VAL A 266 5.89 7.05 18.69
N GLY A 267 4.73 7.02 18.01
CA GLY A 267 3.54 6.42 18.58
C GLY A 267 2.86 5.53 17.57
N TYR A 268 2.11 4.56 18.07
CA TYR A 268 1.48 3.54 17.24
C TYR A 268 -0.03 3.74 17.24
N LEU A 269 -0.62 3.51 16.06
CA LEU A 269 -2.06 3.78 15.89
C LEU A 269 -2.85 2.51 16.09
N GLN A 270 -4.10 2.63 16.54
CA GLN A 270 -4.93 1.44 16.78
C GLN A 270 -6.33 1.75 16.28
N PRO A 271 -7.17 0.76 15.95
CA PRO A 271 -8.49 1.05 15.38
C PRO A 271 -9.47 1.67 16.38
N ARG A 272 -9.75 2.96 16.28
CA ARG A 272 -10.62 3.59 17.27
C ARG A 272 -11.68 4.40 16.56
N THR A 273 -12.72 4.76 17.31
CA THR A 273 -13.79 5.62 16.82
C THR A 273 -13.58 7.01 17.38
N PHE A 274 -13.50 8.00 16.49
CA PHE A 274 -13.28 9.38 16.89
C PHE A 274 -14.47 10.24 16.47
N LEU A 275 -14.75 11.25 17.28
CA LEU A 275 -15.76 12.25 16.98
C LEU A 275 -15.05 13.59 16.85
N LEU A 276 -15.12 14.19 15.67
CA LEU A 276 -14.34 15.36 15.34
C LEU A 276 -15.24 16.58 15.17
N LYS A 277 -14.80 17.72 15.71
CA LYS A 277 -15.57 18.98 15.51
C LYS A 277 -14.94 19.72 14.32
N TYR A 278 -15.76 20.09 13.33
CA TYR A 278 -15.23 20.78 12.12
C TYR A 278 -15.65 22.25 12.14
N ASN A 279 -14.69 23.16 11.95
CA ASN A 279 -15.00 24.62 11.92
C ASN A 279 -15.72 24.94 10.59
N GLU A 280 -16.38 26.09 10.52
CA GLU A 280 -17.05 26.51 9.26
C GLU A 280 -16.01 26.60 8.14
N ASN A 281 -14.74 26.83 8.49
CA ASN A 281 -13.66 26.92 7.48
C ASN A 281 -13.13 25.51 7.19
N GLY A 282 -13.64 24.49 7.89
CA GLY A 282 -13.22 23.09 7.65
C GLY A 282 -12.13 22.66 8.60
N THR A 283 -11.43 23.62 9.22
CA THR A 283 -10.32 23.29 10.17
C THR A 283 -10.89 22.48 11.34
N ILE A 284 -10.21 21.40 11.72
CA ILE A 284 -10.69 20.58 12.82
C ILE A 284 -10.23 21.21 14.13
N THR A 285 -11.21 21.69 14.92
CA THR A 285 -10.87 22.42 16.17
C THR A 285 -10.68 21.46 17.35
N ASP A 286 -11.60 20.51 17.55
CA ASP A 286 -11.50 19.62 18.68
C ASP A 286 -11.94 18.22 18.25
N ALA A 287 -11.37 17.22 18.90
CA ALA A 287 -11.78 15.83 18.71
C ALA A 287 -11.77 15.14 20.05
N VAL A 288 -12.70 14.19 20.22
CA VAL A 288 -12.81 13.43 21.45
C VAL A 288 -12.82 11.94 21.08
N ASP A 289 -12.07 11.15 21.85
CA ASP A 289 -12.08 9.71 21.66
C ASP A 289 -13.40 9.12 22.15
N CYS A 290 -13.68 7.89 21.74
CA CYS A 290 -14.92 7.21 22.12
C CYS A 290 -14.66 5.89 22.84
N ALA A 291 -13.40 5.63 23.21
CA ALA A 291 -13.07 4.43 23.97
C ALA A 291 -12.05 4.74 25.06
N LEU A 292 -12.09 5.94 25.63
CA LEU A 292 -11.11 6.38 26.60
C LEU A 292 -11.69 6.61 27.98
N ASP A 293 -12.75 7.39 28.08
CA ASP A 293 -13.35 7.80 29.34
C ASP A 293 -14.85 7.58 29.25
N PRO A 294 -15.52 7.32 30.38
CA PRO A 294 -16.99 7.24 30.34
C PRO A 294 -17.62 8.50 29.78
N LEU A 295 -17.10 9.67 30.15
CA LEU A 295 -17.60 10.92 29.62
C LEU A 295 -17.39 11.00 28.12
N SER A 296 -16.22 10.57 27.65
CA SER A 296 -15.93 10.60 26.21
C SER A 296 -16.88 9.67 25.45
N GLU A 297 -17.14 8.48 26.00
CA GLU A 297 -18.06 7.55 25.35
C GLU A 297 -19.47 8.12 25.29
N THR A 298 -19.91 8.71 26.40
CA THR A 298 -21.26 9.34 26.44
C THR A 298 -21.29 10.50 25.45
N LYS A 299 -20.28 11.36 25.49
CA LYS A 299 -20.20 12.52 24.55
C LYS A 299 -20.25 11.98 23.11
N CYS A 300 -19.56 10.86 22.86
CA CYS A 300 -19.52 10.26 21.51
C CYS A 300 -20.93 9.83 21.09
N THR A 301 -21.67 9.17 22.00
CA THR A 301 -23.03 8.67 21.67
C THR A 301 -23.93 9.84 21.29
N LEU A 302 -23.87 10.94 22.06
CA LEU A 302 -24.73 12.13 21.78
C LEU A 302 -24.04 13.00 20.74
N LYS A 303 -22.80 12.68 20.36
CA LYS A 303 -22.04 13.49 19.37
C LYS A 303 -22.18 14.98 19.73
N PHE A 328 -15.32 15.23 -18.43
CA PHE A 328 -13.95 14.64 -18.37
C PHE A 328 -12.92 15.78 -18.28
N PRO A 329 -11.73 15.55 -17.68
CA PRO A 329 -10.72 16.61 -17.52
C PRO A 329 -9.91 16.83 -18.79
N ASN A 330 -8.85 17.63 -18.71
CA ASN A 330 -8.02 17.96 -19.91
C ASN A 330 -7.07 16.80 -20.20
N VAL A 331 -7.60 15.63 -20.59
CA VAL A 331 -6.74 14.46 -20.94
C VAL A 331 -7.20 13.92 -22.30
N THR A 332 -6.26 13.43 -23.12
CA THR A 332 -6.60 12.86 -24.44
C THR A 332 -5.75 11.61 -24.70
N ASN A 333 -4.73 11.39 -23.87
CA ASN A 333 -3.84 10.25 -24.06
C ASN A 333 -4.59 8.96 -23.80
N LEU A 334 -4.75 8.16 -24.86
CA LEU A 334 -5.39 6.86 -24.75
C LEU A 334 -4.61 5.95 -23.81
N CYS A 335 -5.34 5.19 -22.99
CA CYS A 335 -4.71 4.38 -21.96
C CYS A 335 -3.90 3.25 -22.56
N PRO A 336 -2.91 2.66 -21.84
CA PRO A 336 -2.05 1.62 -22.42
C PRO A 336 -2.73 0.24 -22.44
N PHE A 337 -4.06 0.19 -22.26
CA PHE A 337 -4.75 -1.09 -22.38
C PHE A 337 -4.21 -1.93 -23.53
N HIS A 338 -3.80 -1.24 -24.60
CA HIS A 338 -3.27 -1.93 -25.81
C HIS A 338 -2.18 -2.91 -25.37
N GLU A 339 -1.11 -2.38 -24.77
CA GLU A 339 -0.01 -3.25 -24.26
C GLU A 339 -0.61 -4.27 -23.27
N VAL A 340 -1.44 -3.80 -22.33
CA VAL A 340 -2.08 -4.71 -21.34
C VAL A 340 -2.61 -5.94 -22.07
N PHE A 341 -3.22 -5.75 -23.24
CA PHE A 341 -3.83 -6.88 -24.00
C PHE A 341 -2.85 -7.39 -25.06
N ASN A 342 -1.83 -6.59 -25.39
CA ASN A 342 -0.88 -6.99 -26.47
C ASN A 342 0.45 -7.47 -25.87
N ALA A 343 0.44 -7.88 -24.59
CA ALA A 343 1.67 -8.44 -23.97
C ALA A 343 1.89 -9.85 -24.51
N THR A 344 3.03 -10.46 -24.19
CA THR A 344 3.35 -11.81 -24.72
C THR A 344 3.65 -12.76 -23.54
N ARG A 345 4.04 -12.21 -22.39
CA ARG A 345 4.39 -13.05 -21.25
C ARG A 345 3.56 -12.59 -20.05
N PHE A 346 2.24 -12.55 -20.21
CA PHE A 346 1.36 -12.44 -19.06
C PHE A 346 1.80 -13.43 -18.00
N ALA A 347 2.25 -12.90 -16.86
CA ALA A 347 2.94 -13.72 -15.87
C ALA A 347 2.04 -14.78 -15.28
N SER A 348 2.63 -15.74 -14.57
CA SER A 348 1.88 -16.80 -13.92
C SER A 348 1.17 -16.25 -12.70
N VAL A 349 0.20 -17.02 -12.21
CA VAL A 349 -0.70 -16.51 -11.17
C VAL A 349 0.04 -16.41 -9.85
N TYR A 350 1.15 -17.13 -9.70
CA TYR A 350 1.94 -16.99 -8.49
C TYR A 350 2.58 -15.62 -8.37
N ALA A 351 2.82 -14.96 -9.50
CA ALA A 351 3.28 -13.58 -9.54
C ALA A 351 2.36 -12.81 -10.50
N TRP A 352 1.23 -12.34 -9.96
CA TRP A 352 0.27 -11.62 -10.80
C TRP A 352 0.78 -10.23 -11.12
N ASN A 353 1.23 -10.05 -12.37
CA ASN A 353 1.77 -8.73 -12.80
C ASN A 353 0.66 -7.68 -12.74
N ARG A 354 0.62 -6.88 -11.67
CA ARG A 354 -0.36 -5.78 -11.57
C ARG A 354 0.15 -4.58 -12.38
N LYS A 355 -0.71 -3.99 -13.22
CA LYS A 355 -0.30 -2.80 -14.01
C LYS A 355 -1.21 -1.61 -13.65
N ARG A 356 -0.63 -0.57 -13.05
CA ARG A 356 -1.41 0.63 -12.67
C ARG A 356 -1.66 1.49 -13.92
N ILE A 357 -2.89 2.01 -14.08
CA ILE A 357 -3.23 2.82 -15.28
C ILE A 357 -3.72 4.19 -14.80
N SER A 358 -3.06 5.27 -15.22
CA SER A 358 -3.42 6.61 -14.74
C SER A 358 -3.05 7.64 -15.80
N ASN A 359 -3.67 8.82 -15.68
CA ASN A 359 -3.44 9.93 -16.58
C ASN A 359 -3.75 9.51 -18.01
N CYS A 360 -5.01 9.16 -18.27
CA CYS A 360 -5.39 8.62 -19.59
C CYS A 360 -6.89 8.63 -19.78
N VAL A 361 -7.33 8.44 -21.02
CA VAL A 361 -8.74 8.40 -21.39
C VAL A 361 -9.07 6.96 -21.73
N ALA A 362 -9.98 6.35 -20.96
CA ALA A 362 -10.24 4.92 -21.05
C ALA A 362 -11.45 4.68 -21.94
N ASP A 363 -11.20 4.38 -23.21
CA ASP A 363 -12.23 3.93 -24.13
C ASP A 363 -12.11 2.42 -24.26
N TYR A 364 -12.98 1.69 -23.56
CA TYR A 364 -12.86 0.20 -23.50
C TYR A 364 -13.20 -0.49 -24.82
N SER A 365 -13.58 0.26 -25.85
CA SER A 365 -13.84 -0.33 -27.15
C SER A 365 -12.61 -1.03 -27.72
N VAL A 366 -11.41 -0.50 -27.46
CA VAL A 366 -10.20 -1.21 -27.87
C VAL A 366 -10.02 -2.47 -27.05
N LEU A 367 -10.37 -2.42 -25.76
CA LEU A 367 -10.37 -3.59 -24.90
C LEU A 367 -11.34 -4.63 -25.44
N TYR A 368 -12.32 -4.17 -26.20
CA TYR A 368 -13.28 -5.08 -26.82
C TYR A 368 -12.79 -5.63 -28.16
N ASN A 369 -11.63 -5.19 -28.64
CA ASN A 369 -11.18 -5.59 -29.97
C ASN A 369 -10.05 -6.60 -29.94
N PHE A 370 -9.21 -6.55 -28.90
CA PHE A 370 -8.02 -7.44 -28.83
C PHE A 370 -8.35 -8.76 -28.14
N ALA A 371 -9.63 -9.11 -28.03
CA ALA A 371 -9.98 -10.32 -27.30
C ALA A 371 -11.39 -10.80 -27.62
N PRO A 372 -11.59 -11.95 -28.30
CA PRO A 372 -12.94 -12.51 -28.46
C PRO A 372 -13.31 -12.84 -27.01
N PHE A 373 -14.15 -12.02 -26.38
CA PHE A 373 -14.43 -12.21 -24.93
C PHE A 373 -15.10 -13.56 -24.65
N PHE A 374 -14.50 -14.35 -23.73
CA PHE A 374 -15.14 -15.61 -23.31
C PHE A 374 -15.82 -15.35 -21.97
N ALA A 375 -15.28 -14.39 -21.20
CA ALA A 375 -15.87 -14.04 -19.88
C ALA A 375 -15.61 -12.55 -19.59
N PHE A 376 -16.68 -11.76 -19.40
CA PHE A 376 -16.53 -10.33 -19.07
C PHE A 376 -17.37 -10.03 -17.82
N LYS A 377 -17.25 -10.87 -16.80
CA LYS A 377 -18.07 -10.70 -15.60
C LYS A 377 -17.61 -9.50 -14.79
N CYS A 378 -18.37 -8.42 -14.85
CA CYS A 378 -18.11 -7.20 -14.10
C CYS A 378 -18.98 -7.18 -12.85
N TYR A 379 -18.41 -6.71 -11.75
CA TYR A 379 -19.07 -6.75 -10.45
C TYR A 379 -19.48 -5.38 -9.94
N GLY A 380 -18.54 -4.45 -9.83
CA GLY A 380 -18.84 -3.14 -9.30
C GLY A 380 -19.51 -2.22 -10.30
N VAL A 381 -19.22 -2.42 -11.58
CA VAL A 381 -19.75 -1.50 -12.63
C VAL A 381 -20.34 -2.31 -13.78
N SER A 382 -21.37 -1.78 -14.45
CA SER A 382 -21.94 -2.43 -15.61
C SER A 382 -21.06 -2.16 -16.83
N PRO A 383 -20.66 -3.22 -17.55
CA PRO A 383 -19.73 -3.01 -18.68
C PRO A 383 -20.28 -2.09 -19.75
N THR A 384 -21.59 -2.06 -19.95
CA THR A 384 -22.17 -1.13 -20.92
C THR A 384 -21.92 0.32 -20.52
N LYS A 385 -22.09 0.63 -19.24
CA LYS A 385 -21.84 1.97 -18.73
C LYS A 385 -20.45 2.09 -18.12
N LEU A 386 -19.43 2.06 -18.99
CA LEU A 386 -18.03 2.20 -18.52
C LEU A 386 -17.38 3.44 -19.15
N ASN A 387 -17.98 3.97 -20.23
CA ASN A 387 -17.40 5.12 -20.91
C ASN A 387 -17.91 6.45 -20.35
N ASP A 388 -18.78 6.43 -19.34
CA ASP A 388 -19.29 7.64 -18.73
C ASP A 388 -18.90 7.75 -17.26
N LEU A 389 -17.87 7.02 -16.87
CA LEU A 389 -17.44 7.00 -15.44
C LEU A 389 -15.98 7.45 -15.34
N CYS A 390 -15.61 8.11 -14.24
CA CYS A 390 -14.20 8.52 -14.02
C CYS A 390 -13.62 7.75 -12.83
N PHE A 391 -12.48 7.10 -13.03
CA PHE A 391 -11.82 6.32 -11.94
C PHE A 391 -10.52 7.02 -11.52
N THR A 392 -10.33 7.19 -10.21
CA THR A 392 -9.10 7.85 -9.71
C THR A 392 -7.88 7.03 -10.15
N ASN A 393 -8.00 5.69 -10.13
CA ASN A 393 -6.90 4.80 -10.60
C ASN A 393 -7.49 3.52 -11.19
N VAL A 394 -6.75 2.86 -12.08
CA VAL A 394 -7.21 1.56 -12.67
C VAL A 394 -6.04 0.58 -12.59
N TYR A 395 -6.29 -0.64 -12.09
CA TYR A 395 -5.22 -1.67 -11.97
C TYR A 395 -5.51 -2.83 -12.93
N ALA A 396 -4.52 -3.20 -13.76
CA ALA A 396 -4.72 -4.28 -14.75
C ALA A 396 -3.87 -5.49 -14.37
N ASP A 397 -4.37 -6.34 -13.46
CA ASP A 397 -3.63 -7.54 -13.08
C ASP A 397 -3.80 -8.60 -14.15
N SER A 398 -2.68 -9.02 -14.72
CA SER A 398 -2.70 -9.94 -15.85
C SER A 398 -2.01 -11.25 -15.47
N PHE A 399 -2.67 -12.36 -15.76
CA PHE A 399 -2.10 -13.68 -15.53
C PHE A 399 -2.85 -14.75 -16.31
N VAL A 400 -2.13 -15.68 -16.92
CA VAL A 400 -2.76 -16.78 -17.65
C VAL A 400 -3.00 -17.93 -16.68
N ILE A 401 -4.23 -18.45 -16.71
CA ILE A 401 -4.51 -19.63 -15.85
C ILE A 401 -5.31 -20.63 -16.68
N LYS A 402 -5.81 -21.68 -16.02
CA LYS A 402 -6.56 -22.71 -16.72
C LYS A 402 -8.05 -22.40 -16.69
N GLY A 403 -8.82 -23.16 -17.46
CA GLY A 403 -10.22 -22.86 -17.71
C GLY A 403 -11.14 -22.81 -16.50
N ASN A 404 -11.07 -23.80 -15.63
CA ASN A 404 -11.92 -23.81 -14.44
C ASN A 404 -11.58 -22.64 -13.52
N GLU A 405 -10.30 -22.31 -13.41
CA GLU A 405 -9.85 -21.20 -12.58
C GLU A 405 -10.34 -19.85 -13.08
N VAL A 406 -10.78 -19.74 -14.33
CA VAL A 406 -11.46 -18.52 -14.75
C VAL A 406 -12.75 -18.33 -13.98
N SER A 407 -13.56 -19.39 -13.91
CA SER A 407 -14.77 -19.36 -13.08
C SER A 407 -14.40 -19.19 -11.61
N GLN A 408 -13.23 -19.70 -11.23
CA GLN A 408 -12.75 -19.55 -9.86
C GLN A 408 -12.53 -18.09 -9.48
N ILE A 409 -11.90 -17.31 -10.38
CA ILE A 409 -11.57 -15.91 -10.08
C ILE A 409 -12.84 -15.08 -9.99
N ALA A 410 -13.18 -14.66 -8.77
CA ALA A 410 -14.36 -13.85 -8.49
C ALA A 410 -14.32 -13.41 -7.03
N PRO A 411 -15.00 -12.33 -6.66
CA PRO A 411 -15.04 -11.95 -5.25
C PRO A 411 -15.68 -13.04 -4.40
N GLY A 412 -14.98 -13.43 -3.34
CA GLY A 412 -15.49 -14.44 -2.44
C GLY A 412 -15.65 -15.81 -3.06
N GLN A 413 -14.52 -16.44 -3.42
CA GLN A 413 -14.54 -17.78 -3.98
C GLN A 413 -13.54 -18.68 -3.28
N THR A 414 -13.38 -19.91 -3.77
CA THR A 414 -12.48 -20.87 -3.15
C THR A 414 -11.78 -21.68 -4.23
N GLY A 415 -10.69 -22.32 -3.85
CA GLY A 415 -9.90 -23.14 -4.75
C GLY A 415 -8.42 -22.85 -4.58
N ASN A 416 -7.58 -23.71 -5.17
CA ASN A 416 -6.14 -23.64 -4.98
C ASN A 416 -5.55 -22.34 -5.49
N ILE A 417 -6.25 -21.67 -6.41
CA ILE A 417 -5.85 -20.36 -6.89
C ILE A 417 -6.39 -19.23 -6.03
N ALA A 418 -7.66 -19.33 -5.64
CA ALA A 418 -8.30 -18.27 -4.87
C ALA A 418 -7.84 -18.21 -3.42
N ASP A 419 -7.08 -19.20 -2.95
CA ASP A 419 -6.57 -19.21 -1.59
C ASP A 419 -5.07 -18.96 -1.53
N TYR A 420 -4.30 -19.51 -2.45
CA TYR A 420 -2.84 -19.44 -2.38
C TYR A 420 -2.20 -18.65 -3.51
N ASN A 421 -2.95 -18.29 -4.55
CA ASN A 421 -2.34 -17.67 -5.74
C ASN A 421 -2.87 -16.26 -5.96
N TYR A 422 -4.18 -16.05 -5.93
CA TYR A 422 -4.76 -14.74 -6.20
C TYR A 422 -6.15 -14.68 -5.60
N LYS A 423 -6.37 -13.78 -4.65
CA LYS A 423 -7.64 -13.64 -3.96
C LYS A 423 -8.19 -12.25 -4.21
N LEU A 424 -9.29 -12.18 -4.97
CA LEU A 424 -9.97 -10.92 -5.20
C LEU A 424 -10.74 -10.52 -3.93
N PRO A 425 -10.63 -9.26 -3.51
CA PRO A 425 -11.34 -8.83 -2.29
C PRO A 425 -12.85 -8.90 -2.47
N ASP A 426 -13.55 -9.08 -1.35
CA ASP A 426 -15.00 -9.29 -1.33
C ASP A 426 -15.75 -8.12 -1.96
N ASP A 427 -15.42 -6.89 -1.56
CA ASP A 427 -16.07 -5.72 -2.12
C ASP A 427 -15.33 -5.22 -3.37
N PHE A 428 -15.11 -6.12 -4.31
CA PHE A 428 -14.38 -5.76 -5.53
C PHE A 428 -15.25 -4.88 -6.42
N THR A 429 -14.64 -3.84 -6.98
CA THR A 429 -15.31 -2.95 -7.92
C THR A 429 -14.47 -2.92 -9.20
N GLY A 430 -14.82 -3.77 -10.16
CA GLY A 430 -14.05 -3.85 -11.38
C GLY A 430 -14.57 -4.94 -12.28
N CYS A 431 -13.74 -5.31 -13.26
CA CYS A 431 -14.12 -6.30 -14.26
C CYS A 431 -13.01 -7.34 -14.39
N VAL A 432 -13.40 -8.55 -14.77
CA VAL A 432 -12.47 -9.61 -15.10
C VAL A 432 -12.64 -9.96 -16.57
N ILE A 433 -11.53 -10.15 -17.26
CA ILE A 433 -11.53 -10.43 -18.70
C ILE A 433 -10.72 -11.70 -18.92
N ALA A 434 -11.32 -12.68 -19.59
CA ALA A 434 -10.63 -13.97 -19.80
C ALA A 434 -10.90 -14.51 -21.21
N TRP A 435 -10.06 -14.13 -22.18
CA TRP A 435 -10.21 -14.71 -23.55
C TRP A 435 -9.29 -15.91 -23.71
N ASN A 436 -9.43 -16.65 -24.81
CA ASN A 436 -8.63 -17.90 -25.00
C ASN A 436 -7.32 -17.58 -25.73
N SER A 437 -6.25 -18.30 -25.40
CA SER A 437 -4.92 -18.10 -26.06
C SER A 437 -4.17 -19.43 -26.14
N ASN A 438 -4.59 -20.33 -27.04
CA ASN A 438 -3.85 -21.61 -27.24
C ASN A 438 -2.87 -21.45 -28.39
N LYS A 439 -2.61 -20.21 -28.81
CA LYS A 439 -1.64 -19.95 -29.86
C LYS A 439 -0.34 -19.34 -29.35
N LEU A 440 -0.33 -18.81 -28.13
CA LEU A 440 0.91 -18.23 -27.60
C LEU A 440 1.42 -18.99 -26.38
N ASP A 441 0.60 -19.90 -25.84
CA ASP A 441 1.00 -20.74 -24.69
C ASP A 441 1.01 -22.20 -25.16
N SER A 442 1.54 -22.47 -26.35
CA SER A 442 1.53 -23.82 -26.92
C SER A 442 2.58 -23.95 -28.01
N LYS A 443 3.03 -25.20 -28.19
CA LYS A 443 3.92 -25.58 -29.27
C LYS A 443 4.01 -27.09 -29.35
N HIS A 444 4.48 -27.63 -30.46
CA HIS A 444 4.81 -29.05 -30.51
C HIS A 444 5.96 -29.34 -29.55
N SER A 445 5.96 -30.56 -28.99
CA SER A 445 6.92 -31.03 -27.99
C SER A 445 6.65 -30.39 -26.63
N GLY A 446 5.69 -29.48 -26.56
CA GLY A 446 5.15 -29.02 -25.29
C GLY A 446 5.86 -27.79 -24.76
N ASN A 447 5.28 -27.24 -23.70
CA ASN A 447 5.81 -26.08 -22.99
C ASN A 447 5.32 -26.15 -21.55
N TYR A 448 6.16 -25.66 -20.63
CA TYR A 448 5.82 -25.69 -19.21
C TYR A 448 6.25 -24.42 -18.51
N ASP A 449 6.28 -23.31 -19.26
CA ASP A 449 6.83 -22.06 -18.73
C ASP A 449 6.06 -21.56 -17.50
N TYR A 450 4.76 -21.77 -17.46
CA TYR A 450 3.95 -21.18 -16.40
C TYR A 450 3.99 -22.03 -15.13
N TRP A 451 3.35 -21.52 -14.09
CA TRP A 451 3.59 -21.95 -12.71
C TRP A 451 2.33 -21.65 -11.91
N TYR A 452 2.16 -22.31 -10.76
CA TYR A 452 1.16 -21.87 -9.79
C TYR A 452 1.39 -22.52 -8.43
N ARG A 453 0.72 -22.03 -7.40
CA ARG A 453 1.01 -22.38 -6.01
C ARG A 453 -0.16 -23.16 -5.43
N LEU A 454 0.05 -24.44 -5.13
CA LEU A 454 -0.92 -25.24 -4.41
C LEU A 454 -0.60 -25.36 -2.92
N PHE A 455 0.53 -24.79 -2.48
CA PHE A 455 1.04 -25.08 -1.14
C PHE A 455 1.49 -23.78 -0.52
N ARG A 456 0.67 -23.23 0.38
CA ARG A 456 1.01 -22.03 1.13
C ARG A 456 0.65 -22.26 2.58
N LYS A 457 1.43 -21.64 3.48
CA LYS A 457 1.21 -21.82 4.91
C LYS A 457 -0.16 -21.33 5.35
N SER A 458 -0.73 -20.35 4.64
CA SER A 458 -2.05 -19.83 4.98
C SER A 458 -2.71 -19.36 3.69
N LYS A 459 -3.91 -18.80 3.83
CA LYS A 459 -4.58 -18.21 2.69
C LYS A 459 -3.87 -16.93 2.26
N LEU A 460 -4.17 -16.48 1.05
CA LEU A 460 -3.60 -15.25 0.51
C LEU A 460 -4.58 -14.11 0.79
N LYS A 461 -4.09 -13.07 1.47
CA LYS A 461 -4.91 -11.91 1.73
C LYS A 461 -5.24 -11.21 0.41
N PRO A 462 -6.35 -10.49 0.34
CA PRO A 462 -6.75 -9.87 -0.93
C PRO A 462 -5.66 -8.96 -1.48
N PHE A 463 -5.38 -9.12 -2.77
CA PHE A 463 -4.37 -8.34 -3.48
C PHE A 463 -3.00 -8.42 -2.79
N GLU A 464 -2.53 -9.64 -2.59
CA GLU A 464 -1.18 -9.77 -2.02
C GLU A 464 -0.43 -10.82 -2.83
N ARG A 465 0.83 -10.57 -3.15
CA ARG A 465 1.71 -11.48 -3.87
C ARG A 465 2.52 -12.28 -2.87
N ASP A 466 2.88 -13.50 -3.24
CA ASP A 466 3.64 -14.33 -2.30
C ASP A 466 4.71 -15.11 -3.04
N ILE A 467 5.48 -14.45 -3.89
CA ILE A 467 6.54 -15.10 -4.64
C ILE A 467 7.61 -15.58 -3.66
N SER A 468 7.70 -16.90 -3.49
CA SER A 468 8.67 -17.52 -2.60
C SER A 468 8.67 -19.02 -2.87
N THR A 469 9.85 -19.62 -2.74
CA THR A 469 10.03 -21.06 -2.96
C THR A 469 10.47 -21.68 -1.64
N GLU A 470 9.50 -22.04 -0.81
CA GLU A 470 9.74 -22.70 0.47
C GLU A 470 9.03 -24.04 0.47
N ILE A 471 9.79 -25.10 0.80
CA ILE A 471 9.20 -26.46 0.81
C ILE A 471 8.15 -26.52 1.93
N TYR A 472 6.94 -26.97 1.59
CA TYR A 472 5.86 -27.06 2.56
C TYR A 472 6.13 -28.15 3.58
N GLN A 473 5.91 -27.83 4.85
CA GLN A 473 6.18 -28.78 5.91
C GLN A 473 5.08 -29.84 6.00
N ALA A 474 5.49 -31.06 6.34
CA ALA A 474 4.56 -32.14 6.64
C ALA A 474 5.05 -32.87 7.88
N GLY A 475 4.10 -33.36 8.66
CA GLY A 475 4.47 -33.96 9.94
C GLY A 475 5.02 -32.90 10.87
N ASN A 476 6.25 -33.11 11.35
CA ASN A 476 6.95 -32.15 12.18
C ASN A 476 8.39 -31.96 11.73
N LYS A 477 8.66 -32.28 10.46
CA LYS A 477 10.04 -32.13 9.91
C LYS A 477 10.04 -31.02 8.85
N PRO A 478 10.61 -29.83 9.13
CA PRO A 478 10.71 -28.78 8.13
C PRO A 478 11.73 -29.19 7.06
N CYS A 479 11.29 -29.44 5.83
CA CYS A 479 12.25 -30.04 4.86
C CYS A 479 13.11 -29.01 4.11
N LYS A 480 12.61 -28.43 3.02
CA LYS A 480 13.43 -27.53 2.17
C LYS A 480 14.43 -28.43 1.40
N GLY A 481 14.17 -29.74 1.38
CA GLY A 481 15.05 -30.69 0.65
C GLY A 481 14.30 -31.38 -0.47
N LYS A 482 12.96 -31.36 -0.43
CA LYS A 482 12.12 -31.94 -1.52
C LYS A 482 11.96 -33.46 -1.39
N GLY A 483 10.74 -33.96 -1.60
CA GLY A 483 10.45 -35.44 -1.56
C GLY A 483 9.09 -35.83 -0.93
N PRO A 484 8.75 -37.10 -0.59
CA PRO A 484 7.57 -37.34 0.24
C PRO A 484 7.67 -36.59 1.57
N ASN A 485 6.51 -36.11 2.04
CA ASN A 485 6.40 -35.33 3.28
C ASN A 485 7.25 -34.07 3.20
N CYS A 486 7.98 -33.91 2.09
CA CYS A 486 8.85 -32.72 1.85
C CYS A 486 8.53 -32.25 0.44
N TYR A 487 7.62 -31.29 0.28
CA TYR A 487 7.10 -30.92 -1.02
C TYR A 487 7.50 -29.50 -1.41
N PHE A 488 7.88 -29.38 -2.70
CA PHE A 488 8.14 -28.03 -3.25
C PHE A 488 6.77 -27.37 -3.35
N PRO A 489 6.64 -26.05 -3.17
CA PRO A 489 5.32 -25.39 -3.11
C PRO A 489 4.61 -25.29 -4.46
N LEU A 490 5.31 -24.88 -5.50
CA LEU A 490 4.67 -24.54 -6.77
C LEU A 490 4.94 -25.63 -7.81
N GLN A 491 3.87 -26.12 -8.44
CA GLN A 491 3.94 -27.12 -9.50
C GLN A 491 3.46 -26.47 -10.79
N SER A 492 3.74 -27.10 -11.94
CA SER A 492 3.72 -26.44 -13.23
C SER A 492 2.33 -26.41 -13.85
N TYR A 493 2.14 -25.41 -14.71
CA TYR A 493 1.00 -25.27 -15.59
C TYR A 493 1.34 -25.62 -17.04
N GLY A 494 2.15 -26.67 -17.23
CA GLY A 494 2.59 -27.06 -18.56
C GLY A 494 1.52 -27.04 -19.62
N PHE A 495 1.70 -26.10 -20.57
CA PHE A 495 0.66 -25.89 -21.60
C PHE A 495 1.08 -26.47 -22.96
N ARG A 496 0.15 -27.14 -23.62
CA ARG A 496 0.35 -27.76 -24.92
C ARG A 496 -0.84 -27.40 -25.81
N PRO A 497 -0.71 -27.50 -27.14
CA PRO A 497 -1.83 -27.13 -28.02
C PRO A 497 -3.01 -28.07 -27.96
N THR A 498 -2.92 -29.24 -27.32
CA THR A 498 -4.03 -30.19 -27.36
C THR A 498 -4.39 -30.63 -25.93
N TYR A 499 -5.19 -29.80 -25.27
CA TYR A 499 -5.97 -30.19 -24.11
C TYR A 499 -7.44 -29.86 -24.35
N GLY A 500 -8.29 -30.33 -23.44
CA GLY A 500 -9.67 -29.90 -23.44
C GLY A 500 -9.77 -28.46 -23.02
N VAL A 501 -10.91 -27.82 -23.29
CA VAL A 501 -11.08 -26.42 -22.94
C VAL A 501 -10.95 -26.21 -21.43
N GLY A 502 -11.46 -27.16 -20.64
CA GLY A 502 -11.27 -27.10 -19.20
C GLY A 502 -9.82 -27.08 -18.76
N HIS A 503 -8.93 -27.50 -19.67
CA HIS A 503 -7.46 -27.50 -19.36
C HIS A 503 -6.73 -26.56 -20.32
N GLN A 504 -7.44 -25.99 -21.30
CA GLN A 504 -6.80 -25.12 -22.32
C GLN A 504 -6.34 -23.80 -21.68
N PRO A 505 -5.22 -23.19 -22.15
CA PRO A 505 -4.75 -21.92 -21.62
C PRO A 505 -5.80 -20.81 -21.76
N TYR A 506 -6.01 -20.03 -20.69
CA TYR A 506 -6.98 -18.90 -20.74
C TYR A 506 -6.31 -17.63 -20.25
N ARG A 507 -6.20 -16.62 -21.14
CA ARG A 507 -5.51 -15.35 -20.78
C ARG A 507 -6.44 -14.49 -19.94
N VAL A 508 -6.12 -14.32 -18.65
CA VAL A 508 -6.99 -13.56 -17.75
C VAL A 508 -6.31 -12.24 -17.39
N VAL A 509 -7.05 -11.15 -17.58
CA VAL A 509 -6.64 -9.83 -17.09
C VAL A 509 -7.83 -9.23 -16.35
N VAL A 510 -7.60 -8.81 -15.10
CA VAL A 510 -8.65 -8.30 -14.24
C VAL A 510 -8.38 -6.82 -13.98
N LEU A 511 -9.40 -5.99 -14.21
CA LEU A 511 -9.32 -4.55 -14.03
C LEU A 511 -9.94 -4.16 -12.70
N SER A 512 -9.19 -3.41 -11.88
CA SER A 512 -9.71 -2.94 -10.58
C SER A 512 -9.93 -1.42 -10.64
N PHE A 513 -11.18 -0.98 -10.77
CA PHE A 513 -11.47 0.48 -10.92
C PHE A 513 -11.60 1.12 -9.53
N GLU A 514 -11.39 2.44 -9.45
CA GLU A 514 -11.50 3.15 -8.15
C GLU A 514 -12.64 4.19 -8.23
N LEU A 515 -13.82 3.84 -7.73
CA LEU A 515 -14.97 4.79 -7.74
C LEU A 515 -15.10 5.42 -6.35
N LEU A 516 -14.21 6.37 -6.02
CA LEU A 516 -14.23 6.98 -4.67
C LEU A 516 -14.00 8.49 -4.80
N HIS A 517 -14.47 9.28 -3.83
CA HIS A 517 -14.34 10.73 -3.93
C HIS A 517 -12.86 11.10 -3.87
N ALA A 518 -12.28 11.41 -5.02
CA ALA A 518 -10.84 11.77 -5.11
C ALA A 518 -10.55 12.29 -6.52
N PRO A 519 -9.45 13.02 -6.77
CA PRO A 519 -9.19 13.60 -8.08
C PRO A 519 -9.30 12.53 -9.17
N ALA A 520 -10.19 12.74 -10.16
CA ALA A 520 -10.38 11.75 -11.24
C ALA A 520 -9.19 11.78 -12.20
N THR A 521 -8.47 10.67 -12.33
CA THR A 521 -7.27 10.62 -13.21
C THR A 521 -7.61 9.86 -14.50
N VAL A 522 -8.50 8.86 -14.41
CA VAL A 522 -8.89 8.06 -15.60
C VAL A 522 -10.36 8.34 -15.91
N CYS A 523 -10.69 8.66 -17.16
CA CYS A 523 -12.07 8.97 -17.53
C CYS A 523 -12.37 8.38 -18.90
C1 NAG B . -12.48 31.45 9.07
C2 NAG B . -11.61 31.90 10.24
C3 NAG B . -11.83 33.38 10.56
C4 NAG B . -11.76 34.21 9.29
C5 NAG B . -12.79 33.69 8.30
C6 NAG B . -12.82 34.47 7.00
C7 NAG B . -11.01 30.20 11.90
C8 NAG B . -9.68 30.12 11.21
N2 NAG B . -11.87 31.09 11.41
O3 NAG B . -10.85 33.80 11.50
O4 NAG B . -12.01 35.58 9.59
O5 NAG B . -12.45 32.34 7.96
O6 NAG B . -11.55 34.44 6.35
O7 NAG B . -11.30 29.47 12.85
C1 BMA B . -10.85 36.39 9.28
C2 BMA B . -11.18 37.85 9.12
C3 BMA B . -9.96 38.61 8.66
C4 BMA B . -8.78 38.34 9.57
C5 BMA B . -8.54 36.84 9.68
C6 BMA B . -7.44 36.48 10.64
O2 BMA B . -11.67 38.36 10.35
O3 BMA B . -10.27 40.02 8.67
O4 BMA B . -7.62 38.96 9.04
O5 BMA B . -9.74 36.22 10.16
O6 BMA B . -7.64 35.17 11.19
C1 NAG C . 16.90 14.11 -4.37
C2 NAG C . 17.14 15.37 -5.19
C3 NAG C . 16.20 15.39 -6.38
C4 NAG C . 16.27 14.08 -7.15
C5 NAG C . 16.02 12.91 -6.21
C6 NAG C . 16.16 11.57 -6.89
C7 NAG C . 17.42 17.77 -4.62
C8 NAG C . 18.69 17.87 -5.41
N2 NAG C . 17.00 16.53 -4.33
O3 NAG C . 16.49 16.49 -7.23
O4 NAG C . 15.25 14.08 -8.16
O5 NAG C . 16.99 12.94 -5.15
O6 NAG C . 15.26 11.44 -7.99
O7 NAG C . 16.80 18.77 -4.25
C1 NAG D . -1.64 -7.56 -30.71
C2 NAG D . -3.14 -7.86 -30.76
C3 NAG D . -3.62 -7.69 -32.19
C4 NAG D . -3.19 -6.34 -32.73
C5 NAG D . -1.66 -6.20 -32.72
C6 NAG D . -1.20 -4.88 -32.16
C7 NAG D . -4.03 -9.37 -29.07
C8 NAG D . -4.45 -10.78 -28.77
N2 NAG D . -3.44 -9.18 -30.26
O3 NAG D . -5.03 -7.84 -32.25
O4 NAG D . -3.66 -6.18 -34.07
O5 NAG D . -1.02 -7.24 -31.94
O6 NAG D . 0.22 -4.78 -32.20
O7 NAG D . -4.22 -8.45 -28.29
C1 NAG E . 14.04 -10.87 -9.14
C2 NAG E . 15.38 -11.48 -8.76
C3 NAG E . 15.60 -12.75 -9.57
C4 NAG E . 14.43 -13.71 -9.40
C5 NAG E . 13.12 -12.98 -9.73
C6 NAG E . 11.90 -13.83 -9.47
C7 NAG E . 16.97 -9.81 -7.98
C8 NAG E . 18.36 -10.17 -7.53
N2 NAG E . 16.48 -10.54 -8.97
O3 NAG E . 16.82 -13.38 -9.16
O4 NAG E . 14.60 -14.80 -10.29
O5 NAG E . 13.01 -11.81 -8.89
O6 NAG E . 10.76 -13.01 -9.21
O7 NAG E . 16.33 -8.91 -7.45
C1 NAG F . 3.57 -8.85 6.94
C2 NAG F . 2.36 -9.80 6.91
C3 NAG F . 2.78 -11.15 6.36
C4 NAG F . 4.09 -11.65 6.95
C5 NAG F . 4.60 -10.73 8.05
C6 NAG F . 5.96 -11.14 8.55
C7 NAG F . 0.61 -10.73 8.36
C8 NAG F . 0.74 -11.73 9.47
N2 NAG F . 1.66 -9.92 8.17
O3 NAG F . 2.87 -11.04 4.95
O4 NAG F . 3.87 -12.95 7.52
O5 NAG F . 4.72 -9.39 7.56
O6 NAG F . 6.95 -10.86 7.57
O7 NAG F . -0.40 -10.66 7.66
C1 NAG G . -8.41 22.76 -18.83
C2 NAG G . -8.60 22.91 -17.32
C3 NAG G . -9.40 24.17 -17.01
C4 NAG G . -8.80 25.38 -17.70
C5 NAG G . -8.70 25.10 -19.20
C6 NAG G . -8.07 26.23 -19.97
C7 NAG G . -8.61 20.88 -15.96
C8 NAG G . -9.44 19.77 -15.40
N2 NAG G . -9.25 21.75 -16.74
O3 NAG G . -9.44 24.36 -15.60
O4 NAG G . -9.65 26.51 -17.50
O5 NAG G . -7.87 23.94 -19.41
O6 NAG G . -6.74 26.49 -19.51
O7 NAG G . -7.41 20.98 -15.71
C1 IDU H . 3.79 2.26 -11.58
C2 IDU H . 2.88 1.04 -11.73
C3 IDU H . 2.95 0.53 -13.17
C4 IDU H . 2.64 1.68 -14.13
C5 IDU H . 2.29 2.92 -13.28
C6 IDU H . 1.92 4.09 -14.17
O2 IDU H . 3.32 -0.06 -10.85
O3 IDU H . 2.05 -0.54 -13.37
O5 IDU H . 3.40 3.29 -12.49
O61 IDU H . 0.83 4.59 -14.08
O6 IDU H . 2.74 4.52 -14.96
S IDU H . 2.21 -0.95 -10.11
O1S IDU H . 1.52 -0.05 -9.22
O2S IDU H . 2.95 -1.98 -9.42
O3S IDU H . 1.35 -1.49 -11.15
C1 NAG I . 3.04 3.79 29.57
C2 NAG I . 3.39 2.31 29.74
C3 NAG I . 3.60 2.01 31.22
C4 NAG I . 4.66 2.93 31.79
C5 NAG I . 4.26 4.38 31.54
C6 NAG I . 5.31 5.36 31.98
C7 NAG I . 2.53 0.79 28.04
C8 NAG I . 1.49 -0.24 27.73
N2 NAG I . 2.35 1.45 29.19
O3 NAG I . 3.96 0.64 31.36
O4 NAG I . 4.79 2.72 33.19
O5 NAG I . 4.04 4.60 30.12
O6 NAG I . 6.60 4.99 31.49
O7 NAG I . 3.47 1.03 27.30
#